data_4PCO
#
_entry.id   4PCO
#
_cell.length_a   36.616
_cell.length_b   43.224
_cell.length_c   83.256
_cell.angle_alpha   90.00
_cell.angle_beta   102.48
_cell.angle_gamma   90.00
#
_symmetry.space_group_name_H-M   'C 1 2 1'
#
loop_
_entity.id
_entity.type
_entity.pdbx_description
1 polymer "RNA (5'-D(*GP*GP*UP*GP*GP*CP*UP*GP*UP*U)-3')"
2 non-polymer 'COBALT HEXAMMINE(III)'
3 non-polymer 'CHLORIDE ION'
4 water water
#
_entity_poly.entity_id   1
_entity_poly.type   'polyribonucleotide'
_entity_poly.pdbx_seq_one_letter_code
;GGUGGCUGUU
;
_entity_poly.pdbx_strand_id   A,B,C,D,E
#
loop_
_chem_comp.id
_chem_comp.type
_chem_comp.name
_chem_comp.formula
C RNA linking CYTIDINE-5'-MONOPHOSPHATE 'C9 H14 N3 O8 P'
CL non-polymer 'CHLORIDE ION' 'Cl -1'
G RNA linking GUANOSINE-5'-MONOPHOSPHATE 'C10 H14 N5 O8 P'
NCO non-polymer 'COBALT HEXAMMINE(III)' 'Co H18 N6 3'
U RNA linking URIDINE-5'-MONOPHOSPHATE 'C9 H13 N2 O9 P'
#
# COMPACT_ATOMS: atom_id res chain seq x y z
CO NCO F . -6.88 12.68 -4.91
N1 NCO F . -7.54 14.26 -3.90
N2 NCO F . -6.20 11.11 -5.89
N3 NCO F . -8.11 13.15 -6.41
N4 NCO F . -8.28 11.52 -4.13
N5 NCO F . -5.68 12.30 -3.37
N6 NCO F . -5.45 13.79 -5.74
CO NCO G . 10.63 0.55 3.24
N1 NCO G . 9.25 1.98 3.21
N2 NCO G . 12.00 -0.86 3.22
N3 NCO G . 9.93 -0.12 1.52
N4 NCO G . 9.39 -0.65 4.23
N5 NCO G . 11.31 1.25 4.96
N6 NCO G . 11.86 1.77 2.29
CO NCO H . -3.08 -4.85 -8.52
N1 NCO H . -4.25 -3.35 -7.98
N2 NCO H . -1.88 -6.34 -9.05
N3 NCO H . -3.92 -4.88 -10.32
N4 NCO H . -4.46 -6.15 -7.94
N5 NCO H . -2.25 -4.83 -6.72
N6 NCO H . -1.71 -3.55 -9.12
CL CL I . 5.67 8.29 11.17
CL CL J . 6.72 -1.28 2.11
CO NCO K . 3.42 1.47 2.32
N1 NCO K . 2.27 1.64 3.92
N2 NCO K . 4.65 1.36 0.79
N3 NCO K . 3.54 3.45 2.28
N4 NCO K . 1.90 1.55 1.05
N5 NCO K . 3.28 -0.53 2.35
N6 NCO K . 5.02 1.30 3.52
CO NCO L . -3.62 6.74 -1.50
CO NCO L . -2.05 6.11 0.35
N1 NCO L . -4.87 7.75 -0.32
N1 NCO L . -3.83 6.94 0.59
N2 NCO L . -2.36 5.76 -2.68
N2 NCO L . -0.25 5.32 0.10
N3 NCO L . -5.10 5.84 -2.48
N3 NCO L . -2.84 4.31 0.58
N4 NCO L . -3.55 5.26 -0.19
N4 NCO L . -1.65 6.23 2.29
N5 NCO L . -2.12 7.65 -0.57
N5 NCO L . -1.27 7.91 0.09
N6 NCO L . -3.78 8.19 -2.87
N6 NCO L . -2.39 5.99 -1.61
CO NCO M . -8.07 16.52 -10.94
N1 NCO M . -8.63 18.36 -11.42
N2 NCO M . -7.55 14.67 -10.47
N3 NCO M . -9.58 15.76 -11.99
N4 NCO M . -9.21 16.55 -9.32
N5 NCO M . -6.57 17.27 -9.90
N6 NCO M . -6.92 16.46 -12.56
CL CL N . -7.15 16.35 -6.81
CO NCO O . 5.72 -5.28 3.29
N1 NCO O . 4.46 -3.83 3.79
N2 NCO O . 7.01 -6.72 2.81
N3 NCO O . 4.25 -6.31 2.39
N4 NCO O . 5.29 -6.23 5.00
N5 NCO O . 7.20 -4.31 4.19
N6 NCO O . 6.16 -4.37 1.59
CO NCO P . 12.10 -10.58 8.62
N1 NCO P . 10.51 -10.37 9.78
N2 NCO P . 13.69 -10.83 7.48
N3 NCO P . 11.04 -10.04 7.03
N4 NCO P . 11.58 -12.47 8.31
N5 NCO P . 13.13 -11.11 10.22
N6 NCO P . 12.60 -8.69 8.95
CO NCO Q . 26.35 -18.72 4.76
N1 NCO Q . 26.31 -19.12 2.82
N2 NCO Q . 26.37 -18.31 6.70
N3 NCO Q . 27.22 -20.46 5.11
N4 NCO Q . 24.57 -19.59 4.95
N5 NCO Q . 25.46 -16.98 4.42
N6 NCO Q . 28.11 -17.85 4.56
CO NCO R . 21.90 -14.82 8.86
N1 NCO R . 20.11 -14.40 9.62
N2 NCO R . 23.69 -15.24 8.13
N3 NCO R . 21.09 -16.15 7.63
N4 NCO R . 22.14 -16.26 10.19
N5 NCO R . 22.71 -13.49 10.09
N6 NCO R . 21.61 -13.44 7.47
CO NCO S . -30.32 6.98 -5.43
N1 NCO S . -32.18 7.43 -4.96
N2 NCO S . -28.43 6.57 -5.89
N3 NCO S . -30.93 5.46 -6.54
N4 NCO S . -30.13 5.76 -3.88
N5 NCO S . -29.64 8.53 -4.41
N6 NCO S . -30.49 8.20 -6.97
CO NCO T . -26.87 -0.13 -1.05
N1 NCO T . -28.46 0.49 -2.07
N2 NCO T . -25.31 -0.76 0.00
N3 NCO T . -26.71 -1.69 -2.24
N4 NCO T . -28.01 -1.16 0.21
N5 NCO T . -27.04 1.42 0.18
N6 NCO T . -25.68 0.94 -2.22
#